data_1BAG
#
_entry.id   1BAG
#
_cell.length_a   72.590
_cell.length_b   74.060
_cell.length_c   117.010
_cell.angle_alpha   90.00
_cell.angle_beta   90.00
_cell.angle_gamma   90.00
#
_symmetry.space_group_name_H-M   'P 21 21 21'
#
loop_
_entity.id
_entity.type
_entity.pdbx_description
1 polymer ALPHA-1,4-GLUCAN-4-GLUCANOHYDROLASE
2 branched alpha-D-glucopyranose-(1-4)-alpha-D-glucopyranose-(1-4)-alpha-D-glucopyranose-(1-4)-alpha-D-glucopyranose-(1-4)-beta-D-glucopyranose
3 non-polymer 'CALCIUM ION'
4 water water
#
_entity_poly.entity_id   1
_entity_poly.type   'polypeptide(L)'
_entity_poly.pdbx_seq_one_letter_code
;LTAPSIKSGTILHAWNWSFNTLKHNMKDIHDAGYTAIQTSPINQVKEGNQGDKSMSNWYWLYQPTSYQIGNRYLGTEQEF
KEMCAAAEEYGIKVIVDAVINHTTFDYAAISNEVKSIPNWTHGNTQIKNWSDRWDVTQNSLLGLYDWNTQNTQVQSYLKR
FLERALNDGADGFRFDAAKHIELPDDGSYGSQFWPNITNTSAEFQYGQILQDSASRDAAYANYMDVTASNYGHSIRSALK
NRNLGVSNISHYASDVSADKLVTWVESHDTYANDDEESTWMSDDDIRLGWAVIASRSGSTPLFFSRPEGGGNGVRFPGKS
QIGDRGSALFEDQAITAVNRFHNVMAGQPEELSNPNGNNQIFMNQRGSHGVVLANAGSSSVSINTATKLPDGRYDNKAGA
GSFQVNDGKLTGTINARSVAVLYPD
;
_entity_poly.pdbx_strand_id   A
#
loop_
_chem_comp.id
_chem_comp.type
_chem_comp.name
_chem_comp.formula
BGC D-saccharide, beta linking beta-D-glucopyranose 'C6 H12 O6'
CA non-polymer 'CALCIUM ION' 'Ca 2'
GLC D-saccharide, alpha linking alpha-D-glucopyranose 'C6 H12 O6'
#
# COMPACT_ATOMS: atom_id res chain seq x y z
N LEU A 1 -6.50 -9.85 -13.94
CA LEU A 1 -6.77 -10.63 -12.67
C LEU A 1 -5.46 -10.87 -11.94
N THR A 2 -4.39 -11.13 -12.69
CA THR A 2 -3.05 -11.34 -12.14
C THR A 2 -2.07 -10.81 -13.19
N ALA A 3 -1.43 -9.69 -12.87
CA ALA A 3 -0.46 -9.05 -13.76
C ALA A 3 0.85 -9.84 -13.87
N PRO A 4 1.63 -9.61 -14.94
CA PRO A 4 2.90 -10.30 -15.15
C PRO A 4 3.98 -10.04 -14.10
N SER A 5 3.72 -9.11 -13.19
CA SER A 5 4.67 -8.77 -12.16
C SER A 5 3.96 -8.00 -11.06
N ILE A 6 4.53 -8.03 -9.87
CA ILE A 6 3.97 -7.33 -8.71
C ILE A 6 3.79 -5.85 -9.02
N LYS A 7 4.76 -5.31 -9.76
CA LYS A 7 4.80 -3.92 -10.17
C LYS A 7 3.67 -3.48 -11.11
N SER A 8 3.14 -4.40 -11.90
CA SER A 8 2.07 -4.10 -12.83
C SER A 8 0.72 -4.44 -12.27
N GLY A 9 0.65 -4.84 -10.99
CA GLY A 9 -0.63 -5.20 -10.44
C GLY A 9 -1.05 -4.31 -9.30
N THR A 10 -2.10 -4.75 -8.60
CA THR A 10 -2.59 -4.02 -7.45
C THR A 10 -2.25 -4.89 -6.24
N ILE A 11 -1.75 -4.27 -5.18
CA ILE A 11 -1.39 -5.02 -3.98
C ILE A 11 -2.46 -4.84 -2.92
N LEU A 12 -2.91 -5.94 -2.33
CA LEU A 12 -3.90 -5.84 -1.27
C LEU A 12 -3.16 -5.82 0.06
N HIS A 13 -3.39 -4.80 0.87
CA HIS A 13 -2.75 -4.74 2.17
C HIS A 13 -3.63 -5.46 3.20
N ALA A 14 -3.33 -6.73 3.44
CA ALA A 14 -4.10 -7.53 4.40
C ALA A 14 -3.71 -7.11 5.82
N TRP A 15 -4.12 -5.91 6.20
CA TRP A 15 -3.81 -5.34 7.48
C TRP A 15 -4.36 -6.13 8.67
N ASN A 16 -3.44 -6.75 9.42
CA ASN A 16 -3.77 -7.56 10.59
C ASN A 16 -4.42 -8.91 10.27
N TRP A 17 -4.31 -9.39 9.04
CA TRP A 17 -4.89 -10.69 8.71
C TRP A 17 -3.87 -11.73 9.14
N SER A 18 -4.31 -12.74 9.87
CA SER A 18 -3.39 -13.76 10.31
C SER A 18 -3.00 -14.62 9.13
N PHE A 19 -1.91 -15.37 9.26
CA PHE A 19 -1.44 -16.24 8.17
C PHE A 19 -2.53 -17.23 7.74
N ASN A 20 -3.24 -17.80 8.70
CA ASN A 20 -4.30 -18.76 8.39
C ASN A 20 -5.49 -18.13 7.67
N THR A 21 -5.89 -16.93 8.09
CA THR A 21 -7.01 -16.26 7.44
C THR A 21 -6.64 -16.01 6.01
N LEU A 22 -5.42 -15.52 5.80
CA LEU A 22 -4.91 -15.27 4.47
C LEU A 22 -5.04 -16.55 3.66
N LYS A 23 -4.39 -17.60 4.13
CA LYS A 23 -4.42 -18.90 3.46
C LYS A 23 -5.83 -19.29 3.04
N HIS A 24 -6.79 -19.05 3.93
CA HIS A 24 -8.17 -19.40 3.66
C HIS A 24 -8.91 -18.49 2.67
N ASN A 25 -8.48 -17.24 2.57
CA ASN A 25 -9.13 -16.30 1.65
C ASN A 25 -8.34 -16.07 0.36
N MET A 26 -7.54 -17.06 -0.05
CA MET A 26 -6.72 -16.96 -1.27
C MET A 26 -7.48 -17.03 -2.59
N LYS A 27 -8.49 -17.89 -2.68
CA LYS A 27 -9.23 -17.96 -3.92
C LYS A 27 -9.91 -16.62 -4.11
N ASP A 28 -10.49 -16.08 -3.04
CA ASP A 28 -11.16 -14.79 -3.10
C ASP A 28 -10.28 -13.62 -3.52
N ILE A 29 -9.09 -13.52 -2.92
CA ILE A 29 -8.15 -12.45 -3.25
C ILE A 29 -7.74 -12.57 -4.71
N HIS A 30 -7.65 -13.79 -5.22
CA HIS A 30 -7.29 -14.06 -6.61
C HIS A 30 -8.43 -13.58 -7.52
N ASP A 31 -9.65 -13.97 -7.14
CA ASP A 31 -10.84 -13.59 -7.90
C ASP A 31 -10.96 -12.07 -7.99
N ALA A 32 -10.67 -11.38 -6.88
CA ALA A 32 -10.76 -9.93 -6.83
C ALA A 32 -9.72 -9.24 -7.70
N GLY A 33 -8.80 -10.01 -8.28
CA GLY A 33 -7.81 -9.45 -9.17
C GLY A 33 -6.53 -8.84 -8.61
N TYR A 34 -6.10 -9.27 -7.43
CA TYR A 34 -4.84 -8.76 -6.84
C TYR A 34 -3.68 -9.66 -7.27
N THR A 35 -2.52 -9.05 -7.53
CA THR A 35 -1.36 -9.81 -7.95
C THR A 35 -0.45 -10.13 -6.77
N ALA A 36 -0.48 -9.27 -5.76
CA ALA A 36 0.36 -9.46 -4.58
C ALA A 36 -0.42 -9.14 -3.29
N ILE A 37 0.12 -9.58 -2.17
CA ILE A 37 -0.50 -9.36 -0.87
C ILE A 37 0.55 -8.79 0.07
N GLN A 38 0.18 -7.85 0.91
CA GLN A 38 1.14 -7.33 1.84
C GLN A 38 0.65 -7.74 3.21
N THR A 39 1.51 -8.42 3.95
CA THR A 39 1.19 -8.89 5.29
C THR A 39 1.65 -7.84 6.28
N SER A 40 1.33 -8.05 7.54
CA SER A 40 1.79 -7.16 8.59
C SER A 40 3.14 -7.75 9.01
N PRO A 41 3.89 -7.06 9.91
CA PRO A 41 5.20 -7.60 10.32
C PRO A 41 5.10 -9.04 10.80
N ILE A 42 5.85 -9.90 10.12
CA ILE A 42 5.85 -11.33 10.41
C ILE A 42 6.79 -11.80 11.52
N ASN A 43 7.57 -10.88 12.09
CA ASN A 43 8.52 -11.27 13.13
C ASN A 43 7.99 -11.22 14.55
N GLN A 44 8.84 -11.69 15.46
CA GLN A 44 8.55 -11.74 16.90
C GLN A 44 8.57 -10.31 17.41
N VAL A 45 7.45 -9.89 18.03
CA VAL A 45 7.31 -8.52 18.53
C VAL A 45 6.99 -8.44 20.03
N LYS A 46 7.04 -7.24 20.58
CA LYS A 46 6.70 -7.06 21.99
C LYS A 46 5.18 -7.06 22.04
N GLU A 47 4.62 -8.18 22.46
CA GLU A 47 3.18 -8.34 22.55
C GLU A 47 2.57 -7.64 23.77
N GLY A 48 2.48 -6.31 23.68
CA GLY A 48 1.97 -5.47 24.76
C GLY A 48 0.54 -5.66 25.22
N ASN A 49 0.17 -4.90 26.24
CA ASN A 49 -1.17 -4.97 26.85
C ASN A 49 -1.58 -6.42 26.97
N GLN A 50 -0.69 -7.22 27.53
CA GLN A 50 -0.92 -8.65 27.73
C GLN A 50 -1.39 -9.43 26.50
N GLY A 51 -0.87 -9.05 25.34
CA GLY A 51 -1.18 -9.73 24.10
C GLY A 51 -2.61 -9.63 23.59
N ASP A 52 -3.42 -8.78 24.19
CA ASP A 52 -4.81 -8.61 23.79
C ASP A 52 -4.97 -8.34 22.29
N LYS A 53 -5.97 -8.99 21.70
CA LYS A 53 -6.26 -8.91 20.28
C LYS A 53 -7.12 -7.76 19.77
N SER A 54 -7.53 -6.83 20.64
CA SER A 54 -8.34 -5.71 20.19
C SER A 54 -7.61 -4.94 19.10
N MET A 55 -8.36 -4.54 18.08
CA MET A 55 -7.79 -3.83 16.95
C MET A 55 -6.97 -2.61 17.35
N SER A 56 -7.31 -2.01 18.48
CA SER A 56 -6.59 -0.83 18.95
C SER A 56 -5.13 -1.09 19.32
N ASN A 57 -4.78 -2.38 19.45
CA ASN A 57 -3.42 -2.79 19.78
C ASN A 57 -2.55 -3.04 18.55
N TRP A 58 -3.09 -2.74 17.37
CA TRP A 58 -2.37 -2.93 16.11
C TRP A 58 -0.91 -2.48 16.11
N TYR A 59 -0.61 -1.39 16.81
CA TYR A 59 0.75 -0.82 16.88
C TYR A 59 1.83 -1.69 17.51
N TRP A 60 1.46 -2.73 18.24
CA TRP A 60 2.46 -3.58 18.84
C TRP A 60 3.23 -4.37 17.77
N LEU A 61 2.65 -4.50 16.58
CA LEU A 61 3.31 -5.23 15.48
C LEU A 61 4.49 -4.49 14.87
N TYR A 62 4.79 -3.29 15.35
CA TYR A 62 5.93 -2.53 14.84
C TYR A 62 7.02 -2.33 15.90
N GLN A 63 7.00 -3.19 16.92
CA GLN A 63 7.99 -3.15 17.99
C GLN A 63 8.66 -4.50 18.11
N PRO A 64 9.65 -4.79 17.24
CA PRO A 64 10.38 -6.05 17.24
C PRO A 64 11.20 -6.35 18.49
N THR A 65 11.30 -7.64 18.83
CA THR A 65 12.09 -8.10 19.96
C THR A 65 13.24 -8.96 19.45
N SER A 66 12.99 -9.70 18.38
CA SER A 66 13.99 -10.54 17.73
C SER A 66 13.52 -10.71 16.30
N TYR A 67 14.43 -11.04 15.39
CA TYR A 67 14.02 -11.20 14.01
C TYR A 67 13.69 -12.62 13.57
N GLN A 68 13.14 -13.37 14.52
CA GLN A 68 12.67 -14.72 14.27
C GLN A 68 11.27 -14.50 13.68
N ILE A 69 10.81 -15.45 12.88
CA ILE A 69 9.50 -15.34 12.25
C ILE A 69 8.43 -15.98 13.09
N GLY A 70 7.26 -15.35 13.15
CA GLY A 70 6.15 -15.87 13.91
C GLY A 70 5.86 -15.00 15.11
N ASN A 71 4.58 -14.77 15.35
CA ASN A 71 4.15 -13.98 16.50
C ASN A 71 2.70 -14.33 16.81
N ARG A 72 2.29 -14.02 18.02
CA ARG A 72 0.95 -14.31 18.51
C ARG A 72 -0.19 -13.69 17.72
N TYR A 73 0.04 -12.52 17.16
CA TYR A 73 -1.01 -11.84 16.42
C TYR A 73 -1.33 -12.46 15.08
N LEU A 74 -0.29 -12.71 14.30
CA LEU A 74 -0.45 -13.27 12.96
C LEU A 74 -0.27 -14.78 12.88
N GLY A 75 0.64 -15.33 13.68
CA GLY A 75 0.84 -16.77 13.64
C GLY A 75 2.27 -17.23 13.62
N THR A 76 2.47 -18.50 13.32
CA THR A 76 3.80 -19.12 13.29
C THR A 76 4.47 -19.17 11.92
N GLU A 77 5.78 -19.41 11.91
CA GLU A 77 6.55 -19.51 10.67
C GLU A 77 6.03 -20.59 9.72
N GLN A 78 5.62 -21.72 10.27
CA GLN A 78 5.10 -22.80 9.44
C GLN A 78 3.83 -22.32 8.75
N GLU A 79 2.98 -21.63 9.50
CA GLU A 79 1.72 -21.10 8.98
C GLU A 79 2.03 -20.10 7.88
N PHE A 80 3.03 -19.24 8.11
CA PHE A 80 3.46 -18.27 7.11
C PHE A 80 3.85 -19.03 5.85
N LYS A 81 4.71 -20.05 6.01
CA LYS A 81 5.17 -20.90 4.90
C LYS A 81 4.02 -21.55 4.17
N GLU A 82 3.04 -22.02 4.93
CA GLU A 82 1.90 -22.67 4.34
C GLU A 82 1.06 -21.67 3.57
N MET A 83 0.99 -20.45 4.08
CA MET A 83 0.23 -19.40 3.43
C MET A 83 0.89 -18.95 2.12
N CYS A 84 2.23 -18.88 2.11
CA CYS A 84 2.94 -18.48 0.90
C CYS A 84 2.73 -19.51 -0.21
N ALA A 85 2.56 -20.77 0.17
CA ALA A 85 2.35 -21.85 -0.77
C ALA A 85 0.93 -21.82 -1.32
N ALA A 86 -0.01 -21.48 -0.45
CA ALA A 86 -1.42 -21.38 -0.84
C ALA A 86 -1.54 -20.19 -1.78
N ALA A 87 -0.77 -19.13 -1.53
CA ALA A 87 -0.80 -17.97 -2.40
C ALA A 87 -0.30 -18.34 -3.78
N GLU A 88 0.83 -19.05 -3.80
CA GLU A 88 1.44 -19.46 -5.05
C GLU A 88 0.52 -20.36 -5.87
N GLU A 89 -0.40 -21.05 -5.20
CA GLU A 89 -1.33 -21.95 -5.88
C GLU A 89 -2.23 -21.21 -6.87
N TYR A 90 -2.44 -19.90 -6.63
CA TYR A 90 -3.26 -19.04 -7.50
C TYR A 90 -2.40 -17.96 -8.14
N GLY A 91 -1.09 -18.15 -8.15
CA GLY A 91 -0.21 -17.17 -8.74
C GLY A 91 -0.09 -15.85 -8.02
N ILE A 92 -0.43 -15.82 -6.74
CA ILE A 92 -0.35 -14.59 -5.94
C ILE A 92 1.03 -14.49 -5.24
N LYS A 93 1.60 -13.29 -5.25
CA LYS A 93 2.89 -13.05 -4.63
C LYS A 93 2.66 -12.47 -3.24
N VAL A 94 3.63 -12.69 -2.35
CA VAL A 94 3.55 -12.22 -0.98
C VAL A 94 4.61 -11.17 -0.67
N ILE A 95 4.17 -10.07 -0.07
CA ILE A 95 5.04 -8.97 0.28
C ILE A 95 5.05 -8.85 1.80
N VAL A 96 6.24 -8.75 2.36
CA VAL A 96 6.41 -8.68 3.79
C VAL A 96 6.82 -7.30 4.28
N ASP A 97 6.11 -6.83 5.31
CA ASP A 97 6.37 -5.53 5.93
C ASP A 97 7.55 -5.76 6.85
N ALA A 98 8.72 -5.29 6.44
CA ALA A 98 9.94 -5.48 7.23
C ALA A 98 10.29 -4.24 8.03
N VAL A 99 10.11 -4.31 9.35
CA VAL A 99 10.43 -3.20 10.26
C VAL A 99 11.90 -3.36 10.68
N ILE A 100 12.81 -2.87 9.85
CA ILE A 100 14.24 -3.03 10.14
C ILE A 100 15.03 -1.79 10.55
N ASN A 101 14.34 -0.74 10.99
CA ASN A 101 15.05 0.48 11.40
C ASN A 101 15.19 0.52 12.93
N HIS A 102 14.33 -0.23 13.62
CA HIS A 102 14.32 -0.20 15.06
C HIS A 102 13.76 -1.48 15.68
N THR A 103 13.80 -1.55 17.00
CA THR A 103 13.26 -2.68 17.75
C THR A 103 12.27 -2.01 18.72
N THR A 104 11.79 -2.74 19.72
CA THR A 104 10.87 -2.14 20.67
C THR A 104 11.57 -1.07 21.49
N PHE A 105 10.82 -0.34 22.29
CA PHE A 105 11.37 0.72 23.13
C PHE A 105 11.71 0.11 24.49
N ASP A 106 11.00 -0.95 24.82
CA ASP A 106 11.20 -1.66 26.09
C ASP A 106 12.47 -2.48 25.98
N TYR A 107 13.55 -1.93 26.52
CA TYR A 107 14.86 -2.56 26.49
C TYR A 107 14.89 -3.97 27.06
N ALA A 108 14.10 -4.20 28.10
CA ALA A 108 14.06 -5.51 28.73
C ALA A 108 13.38 -6.57 27.89
N ALA A 109 12.65 -6.16 26.86
CA ALA A 109 11.94 -7.11 26.03
C ALA A 109 12.78 -7.55 24.84
N ILE A 110 13.81 -6.78 24.52
CA ILE A 110 14.67 -7.10 23.40
C ILE A 110 15.38 -8.44 23.68
N SER A 111 15.39 -9.32 22.70
CA SER A 111 16.00 -10.65 22.84
C SER A 111 17.52 -10.66 23.00
N ASN A 112 18.02 -11.77 23.56
CA ASN A 112 19.45 -11.95 23.72
C ASN A 112 20.05 -12.03 22.33
N GLU A 113 19.29 -12.65 21.43
CA GLU A 113 19.66 -12.78 20.03
C GLU A 113 20.11 -11.41 19.49
N VAL A 114 19.33 -10.38 19.81
CA VAL A 114 19.66 -9.03 19.37
C VAL A 114 20.79 -8.42 20.21
N LYS A 115 20.66 -8.49 21.53
CA LYS A 115 21.66 -7.94 22.43
C LYS A 115 23.06 -8.53 22.31
N SER A 116 23.17 -9.70 21.70
CA SER A 116 24.48 -10.35 21.51
C SER A 116 25.35 -9.64 20.48
N ILE A 117 24.73 -8.90 19.57
CA ILE A 117 25.49 -8.19 18.54
C ILE A 117 26.17 -6.99 19.19
N PRO A 118 27.51 -6.98 19.17
CA PRO A 118 28.28 -5.89 19.76
C PRO A 118 27.95 -4.56 19.09
N ASN A 119 27.57 -3.57 19.89
CA ASN A 119 27.27 -2.23 19.38
C ASN A 119 26.16 -2.29 18.31
N TRP A 120 25.04 -2.89 18.68
CA TRP A 120 23.92 -3.07 17.77
C TRP A 120 22.98 -1.87 17.60
N THR A 121 22.98 -0.94 18.57
CA THR A 121 22.07 0.18 18.52
C THR A 121 22.72 1.55 18.47
N HIS A 122 21.90 2.58 18.24
CA HIS A 122 22.32 3.98 18.18
C HIS A 122 21.78 4.63 19.45
N GLY A 123 20.85 3.95 20.11
CA GLY A 123 20.26 4.46 21.33
C GLY A 123 18.77 4.71 21.14
N ASN A 124 18.18 5.39 22.12
CA ASN A 124 16.77 5.71 22.07
C ASN A 124 16.56 7.19 22.38
N THR A 125 17.45 8.03 21.88
CA THR A 125 17.31 9.46 22.09
C THR A 125 16.37 9.97 21.00
N GLN A 126 15.15 10.28 21.40
CA GLN A 126 14.12 10.78 20.50
C GLN A 126 14.60 11.82 19.50
N ILE A 127 14.16 11.67 18.24
CA ILE A 127 14.49 12.61 17.17
C ILE A 127 13.94 13.97 17.60
N LYS A 128 14.71 15.02 17.34
CA LYS A 128 14.31 16.37 17.70
C LYS A 128 14.03 17.20 16.45
N ASN A 129 15.05 17.43 15.65
CA ASN A 129 14.87 18.22 14.46
C ASN A 129 14.63 17.38 13.20
N TRP A 130 13.37 17.30 12.78
CA TRP A 130 13.01 16.52 11.58
C TRP A 130 13.55 17.01 10.25
N SER A 131 14.12 18.21 10.21
CA SER A 131 14.68 18.70 8.97
C SER A 131 16.13 18.27 8.86
N ASP A 132 16.64 17.65 9.92
CA ASP A 132 18.02 17.21 9.97
C ASP A 132 18.17 15.72 9.61
N ARG A 133 18.86 15.43 8.51
CA ARG A 133 19.04 14.05 8.10
C ARG A 133 19.80 13.25 9.14
N TRP A 134 20.85 13.84 9.71
CA TRP A 134 21.61 13.15 10.74
C TRP A 134 20.70 12.78 11.92
N ASP A 135 19.88 13.72 12.36
CA ASP A 135 19.00 13.47 13.48
C ASP A 135 17.93 12.46 13.10
N VAL A 136 17.38 12.60 11.91
CA VAL A 136 16.32 11.71 11.43
C VAL A 136 16.76 10.26 11.22
N THR A 137 17.98 10.07 10.75
CA THR A 137 18.49 8.73 10.50
C THR A 137 19.21 8.10 11.69
N GLN A 138 20.03 8.89 12.38
CA GLN A 138 20.83 8.44 13.52
C GLN A 138 20.19 8.45 14.91
N ASN A 139 18.98 8.97 15.03
CA ASN A 139 18.34 9.01 16.34
C ASN A 139 17.07 8.19 16.43
N SER A 140 16.49 8.18 17.62
CA SER A 140 15.31 7.39 17.90
C SER A 140 13.96 7.97 17.46
N LEU A 141 13.25 7.15 16.71
CA LEU A 141 11.92 7.47 16.20
C LEU A 141 10.97 6.94 17.26
N LEU A 142 10.28 7.84 17.95
CA LEU A 142 9.31 7.46 18.98
C LEU A 142 9.90 6.76 20.19
N GLY A 143 11.22 6.79 20.34
CA GLY A 143 11.84 6.13 21.49
C GLY A 143 12.12 4.67 21.21
N LEU A 144 11.84 4.25 19.98
CA LEU A 144 12.09 2.88 19.58
C LEU A 144 13.61 2.81 19.37
N TYR A 145 14.26 1.85 20.02
CA TYR A 145 15.70 1.70 19.90
C TYR A 145 16.15 1.61 18.46
N ASP A 146 17.05 2.51 18.10
CA ASP A 146 17.54 2.59 16.74
C ASP A 146 18.71 1.67 16.39
N TRP A 147 18.48 0.72 15.52
CA TRP A 147 19.53 -0.18 15.05
C TRP A 147 20.72 0.63 14.56
N ASN A 148 21.92 0.06 14.70
CA ASN A 148 23.14 0.73 14.25
C ASN A 148 23.42 0.20 12.85
N THR A 149 22.69 0.74 11.90
CA THR A 149 22.77 0.33 10.50
C THR A 149 24.13 0.43 9.80
N GLN A 150 25.11 1.10 10.43
CA GLN A 150 26.43 1.20 9.83
C GLN A 150 27.25 -0.04 10.19
N ASN A 151 26.82 -0.72 11.23
CA ASN A 151 27.47 -1.93 11.74
C ASN A 151 27.14 -3.10 10.82
N THR A 152 28.13 -3.54 10.06
CA THR A 152 27.98 -4.65 9.13
C THR A 152 27.44 -5.90 9.78
N GLN A 153 27.66 -6.03 11.08
CA GLN A 153 27.15 -7.22 11.77
C GLN A 153 25.64 -7.12 11.93
N VAL A 154 25.11 -5.91 12.07
CA VAL A 154 23.66 -5.75 12.19
C VAL A 154 23.07 -5.88 10.79
N GLN A 155 23.80 -5.38 9.80
CA GLN A 155 23.34 -5.45 8.42
C GLN A 155 23.11 -6.92 8.08
N SER A 156 24.12 -7.73 8.37
CA SER A 156 24.10 -9.16 8.10
C SER A 156 22.97 -9.86 8.82
N TYR A 157 22.78 -9.49 10.07
CA TYR A 157 21.72 -10.06 10.89
C TYR A 157 20.34 -9.74 10.31
N LEU A 158 20.12 -8.48 9.95
CA LEU A 158 18.85 -8.03 9.39
C LEU A 158 18.63 -8.62 8.01
N LYS A 159 19.70 -8.72 7.22
CA LYS A 159 19.60 -9.27 5.89
C LYS A 159 19.27 -10.75 5.92
N ARG A 160 19.84 -11.50 6.85
CA ARG A 160 19.52 -12.92 6.90
C ARG A 160 18.05 -13.17 7.24
N PHE A 161 17.39 -12.15 7.80
CA PHE A 161 15.97 -12.24 8.12
C PHE A 161 15.18 -12.14 6.81
N LEU A 162 15.57 -11.20 5.96
CA LEU A 162 14.91 -10.99 4.68
C LEU A 162 15.05 -12.25 3.87
N GLU A 163 16.28 -12.76 3.82
CA GLU A 163 16.63 -13.97 3.12
C GLU A 163 15.70 -15.10 3.57
N ARG A 164 15.56 -15.25 4.89
CA ARG A 164 14.72 -16.28 5.48
C ARG A 164 13.25 -16.15 5.06
N ALA A 165 12.77 -14.91 4.91
CA ALA A 165 11.39 -14.69 4.51
C ALA A 165 11.22 -15.17 3.06
N LEU A 166 12.16 -14.76 2.22
CA LEU A 166 12.17 -15.12 0.82
C LEU A 166 12.19 -16.63 0.69
N ASN A 167 13.03 -17.27 1.48
CA ASN A 167 13.15 -18.72 1.45
C ASN A 167 11.90 -19.39 2.00
N ASP A 168 11.15 -18.67 2.82
CA ASP A 168 9.90 -19.20 3.39
C ASP A 168 8.74 -19.08 2.39
N GLY A 169 8.97 -18.33 1.32
CA GLY A 169 7.93 -18.15 0.32
C GLY A 169 7.66 -16.72 -0.09
N ALA A 170 8.08 -15.76 0.73
CA ALA A 170 7.86 -14.34 0.45
C ALA A 170 8.53 -13.96 -0.86
N ASP A 171 8.05 -12.89 -1.47
CA ASP A 171 8.57 -12.42 -2.75
C ASP A 171 8.99 -10.96 -2.79
N GLY A 172 8.71 -10.21 -1.73
CA GLY A 172 9.07 -8.80 -1.73
C GLY A 172 8.97 -8.16 -0.37
N PHE A 173 9.34 -6.89 -0.28
CA PHE A 173 9.35 -6.18 0.98
C PHE A 173 8.84 -4.74 0.94
N ARG A 174 8.33 -4.31 2.08
CA ARG A 174 7.84 -2.95 2.29
C ARG A 174 8.69 -2.52 3.48
N PHE A 175 9.72 -1.72 3.21
CA PHE A 175 10.61 -1.28 4.26
C PHE A 175 10.01 -0.16 5.10
N ASP A 176 9.57 -0.54 6.29
CA ASP A 176 8.97 0.36 7.26
C ASP A 176 10.00 1.41 7.66
N ALA A 177 9.53 2.65 7.85
CA ALA A 177 10.38 3.76 8.24
C ALA A 177 11.71 3.80 7.52
N ALA A 178 11.70 3.44 6.23
CA ALA A 178 12.91 3.42 5.38
C ALA A 178 13.58 4.77 5.27
N LYS A 179 12.85 5.82 5.64
CA LYS A 179 13.35 7.19 5.61
C LYS A 179 14.35 7.44 6.78
N HIS A 180 14.34 6.55 7.75
CA HIS A 180 15.21 6.69 8.90
C HIS A 180 16.47 5.83 8.88
N ILE A 181 16.83 5.35 7.69
CA ILE A 181 18.05 4.57 7.49
C ILE A 181 18.84 5.27 6.38
N GLU A 182 19.98 5.81 6.75
CA GLU A 182 20.85 6.55 5.85
C GLU A 182 21.17 5.85 4.55
N LEU A 183 21.58 6.65 3.56
CA LEU A 183 21.96 6.15 2.25
C LEU A 183 23.49 6.27 2.19
N PRO A 184 24.12 5.71 1.14
CA PRO A 184 25.58 5.80 1.04
C PRO A 184 26.03 7.25 0.99
N ASP A 185 25.43 8.02 0.11
CA ASP A 185 25.74 9.43 -0.09
C ASP A 185 25.10 10.32 0.96
N ASP A 186 24.67 9.76 2.08
CA ASP A 186 24.02 10.57 3.09
C ASP A 186 24.99 11.28 4.01
N GLY A 187 25.94 11.98 3.43
CA GLY A 187 26.91 12.70 4.23
C GLY A 187 27.92 11.82 4.95
N SER A 188 28.64 12.46 5.86
CA SER A 188 29.69 11.85 6.67
C SER A 188 29.33 10.55 7.42
N TYR A 189 28.03 10.27 7.55
CA TYR A 189 27.58 9.08 8.26
C TYR A 189 26.83 8.09 7.37
N GLY A 190 26.99 8.22 6.05
CA GLY A 190 26.33 7.30 5.15
C GLY A 190 26.76 5.88 5.40
N SER A 191 26.18 4.94 4.65
CA SER A 191 26.54 3.54 4.79
C SER A 191 26.04 2.77 3.57
N GLN A 192 26.48 1.53 3.44
CA GLN A 192 26.07 0.70 2.33
C GLN A 192 24.90 -0.17 2.77
N PHE A 193 24.12 0.31 3.74
CA PHE A 193 23.01 -0.47 4.24
C PHE A 193 22.03 -0.84 3.13
N TRP A 194 21.56 0.16 2.38
CA TRP A 194 20.60 -0.10 1.32
C TRP A 194 21.12 -0.96 0.18
N PRO A 195 22.27 -0.60 -0.43
CA PRO A 195 22.79 -1.42 -1.53
C PRO A 195 22.96 -2.88 -1.08
N ASN A 196 23.25 -3.06 0.21
CA ASN A 196 23.46 -4.38 0.78
C ASN A 196 22.16 -5.16 1.03
N ILE A 197 21.33 -4.73 1.99
CA ILE A 197 20.10 -5.45 2.28
C ILE A 197 19.06 -5.46 1.16
N THR A 198 19.29 -4.63 0.16
CA THR A 198 18.41 -4.53 -1.00
C THR A 198 18.83 -5.54 -2.09
N ASN A 199 20.01 -6.14 -1.92
CA ASN A 199 20.59 -7.10 -2.87
C ASN A 199 20.18 -8.55 -2.63
N THR A 200 18.88 -8.81 -2.70
CA THR A 200 18.36 -10.15 -2.48
C THR A 200 17.62 -10.61 -3.73
N SER A 201 16.87 -11.70 -3.64
CA SER A 201 16.13 -12.19 -4.80
C SER A 201 14.70 -11.65 -4.82
N ALA A 202 14.43 -10.65 -3.98
CA ALA A 202 13.11 -10.06 -3.91
C ALA A 202 12.73 -9.47 -5.25
N GLU A 203 11.63 -9.94 -5.80
CA GLU A 203 11.13 -9.45 -7.08
C GLU A 203 10.81 -7.97 -7.05
N PHE A 204 10.04 -7.59 -6.04
CA PHE A 204 9.58 -6.24 -5.82
C PHE A 204 9.90 -5.85 -4.39
N GLN A 205 10.25 -4.57 -4.21
CA GLN A 205 10.53 -4.03 -2.90
C GLN A 205 10.47 -2.51 -2.92
N TYR A 206 9.77 -1.96 -1.95
CA TYR A 206 9.60 -0.52 -1.86
C TYR A 206 9.64 -0.12 -0.39
N GLY A 207 9.96 1.16 -0.14
CA GLY A 207 10.03 1.62 1.22
C GLY A 207 9.04 2.70 1.56
N GLN A 208 8.62 2.75 2.82
CA GLN A 208 7.70 3.76 3.30
C GLN A 208 8.57 4.96 3.58
N ILE A 209 8.44 5.98 2.75
CA ILE A 209 9.21 7.20 2.89
C ILE A 209 8.21 8.35 2.85
N LEU A 210 7.68 8.69 4.02
CA LEU A 210 6.71 9.78 4.12
C LEU A 210 7.41 11.06 3.69
N GLN A 211 6.80 11.78 2.76
CA GLN A 211 7.40 12.97 2.21
C GLN A 211 7.49 14.24 3.04
N ASP A 212 8.63 14.90 2.88
CA ASP A 212 8.96 16.16 3.52
C ASP A 212 10.27 16.61 2.87
N SER A 213 11.01 17.53 3.50
CA SER A 213 12.27 18.02 2.93
C SER A 213 13.50 17.10 3.13
N ALA A 214 13.56 16.40 4.27
CA ALA A 214 14.67 15.53 4.56
C ALA A 214 14.34 14.07 4.25
N SER A 215 13.53 13.83 3.22
CA SER A 215 13.16 12.46 2.87
C SER A 215 13.87 11.92 1.64
N ARG A 216 14.42 12.81 0.83
CA ARG A 216 15.18 12.42 -0.36
C ARG A 216 14.51 11.33 -1.21
N ASP A 217 13.26 11.55 -1.57
CA ASP A 217 12.47 10.60 -2.38
C ASP A 217 13.22 10.11 -3.61
N ALA A 218 13.79 11.04 -4.36
CA ALA A 218 14.50 10.69 -5.58
C ALA A 218 15.79 9.89 -5.38
N ALA A 219 16.29 9.86 -4.15
CA ALA A 219 17.52 9.13 -3.86
C ALA A 219 17.18 7.68 -3.52
N TYR A 220 16.20 7.49 -2.67
CA TYR A 220 15.78 6.16 -2.29
C TYR A 220 15.25 5.41 -3.50
N ALA A 221 14.59 6.15 -4.40
CA ALA A 221 14.04 5.59 -5.62
C ALA A 221 15.11 4.82 -6.40
N ASN A 222 16.37 5.21 -6.24
CA ASN A 222 17.47 4.53 -6.92
C ASN A 222 17.74 3.14 -6.36
N TYR A 223 17.06 2.78 -5.28
CA TYR A 223 17.24 1.47 -4.66
C TYR A 223 15.94 0.70 -4.55
N MET A 224 14.87 1.43 -4.28
CA MET A 224 13.58 0.81 -4.12
C MET A 224 12.52 1.81 -4.55
N ASP A 225 11.29 1.34 -4.70
CA ASP A 225 10.20 2.22 -5.05
C ASP A 225 9.87 3.04 -3.81
N VAL A 226 9.21 4.18 -4.00
CA VAL A 226 8.85 5.02 -2.88
C VAL A 226 7.34 5.20 -2.80
N THR A 227 6.86 5.66 -1.66
CA THR A 227 5.45 5.89 -1.41
C THR A 227 5.05 7.34 -1.75
N ALA A 228 4.01 7.52 -2.54
CA ALA A 228 3.57 8.87 -2.88
C ALA A 228 2.59 9.32 -1.80
N SER A 229 3.13 9.71 -0.65
CA SER A 229 2.31 10.12 0.48
C SER A 229 1.54 11.40 0.22
N ASN A 230 2.18 12.33 -0.50
CA ASN A 230 1.54 13.61 -0.82
C ASN A 230 0.39 13.38 -1.77
N TYR A 231 0.59 12.54 -2.77
CA TYR A 231 -0.44 12.26 -3.75
C TYR A 231 -1.66 11.71 -3.04
N GLY A 232 -1.42 10.83 -2.08
CA GLY A 232 -2.51 10.23 -1.34
C GLY A 232 -3.30 11.33 -0.67
N HIS A 233 -2.61 12.37 -0.25
CA HIS A 233 -3.27 13.49 0.41
C HIS A 233 -4.13 14.28 -0.59
N SER A 234 -3.64 14.42 -1.82
CA SER A 234 -4.37 15.11 -2.87
C SER A 234 -5.69 14.39 -3.10
N ILE A 235 -5.60 13.06 -3.24
CA ILE A 235 -6.77 12.22 -3.45
C ILE A 235 -7.80 12.38 -2.34
N ARG A 236 -7.37 12.25 -1.09
CA ARG A 236 -8.30 12.38 0.01
C ARG A 236 -8.95 13.76 0.03
N SER A 237 -8.18 14.79 -0.34
CA SER A 237 -8.71 16.17 -0.39
C SER A 237 -9.81 16.24 -1.46
N ALA A 238 -9.51 15.72 -2.64
CA ALA A 238 -10.45 15.70 -3.75
C ALA A 238 -11.76 15.02 -3.32
N LEU A 239 -11.64 13.82 -2.78
CA LEU A 239 -12.80 13.06 -2.35
C LEU A 239 -13.55 13.84 -1.29
N LYS A 240 -12.82 14.58 -0.47
CA LYS A 240 -13.43 15.38 0.58
C LYS A 240 -14.39 16.44 0.00
N ASN A 241 -13.89 17.24 -0.94
CA ASN A 241 -14.71 18.29 -1.59
C ASN A 241 -15.56 17.75 -2.73
N ARG A 242 -15.47 16.45 -3.01
CA ARG A 242 -16.24 15.84 -4.09
C ARG A 242 -15.85 16.50 -5.41
N ASN A 243 -14.65 17.08 -5.44
CA ASN A 243 -14.14 17.75 -6.63
C ASN A 243 -12.97 16.94 -7.17
N LEU A 244 -13.24 16.14 -8.19
CA LEU A 244 -12.21 15.32 -8.82
C LEU A 244 -11.55 16.05 -9.99
N GLY A 245 -11.35 17.36 -9.82
CA GLY A 245 -10.71 18.17 -10.84
C GLY A 245 -9.32 17.69 -11.24
N VAL A 246 -9.19 17.26 -12.47
CA VAL A 246 -7.93 16.74 -13.00
C VAL A 246 -6.66 17.53 -12.71
N SER A 247 -6.74 18.86 -12.74
CA SER A 247 -5.54 19.67 -12.49
C SER A 247 -4.81 19.27 -11.20
N ASN A 248 -5.58 18.95 -10.17
CA ASN A 248 -4.99 18.58 -8.88
C ASN A 248 -4.71 17.09 -8.70
N ILE A 249 -5.63 16.24 -9.15
CA ILE A 249 -5.40 14.81 -9.02
C ILE A 249 -4.69 14.12 -10.18
N SER A 250 -3.74 14.80 -10.82
CA SER A 250 -2.98 14.20 -11.91
C SER A 250 -1.47 14.30 -11.68
N HIS A 251 -1.07 15.23 -10.82
CA HIS A 251 0.34 15.39 -10.49
C HIS A 251 0.52 14.55 -9.24
N TYR A 252 1.51 13.68 -9.26
CA TYR A 252 1.77 12.79 -8.12
C TYR A 252 2.38 13.46 -6.91
N ALA A 253 2.56 14.78 -6.98
CA ALA A 253 3.11 15.55 -5.88
C ALA A 253 4.45 14.98 -5.39
N SER A 254 5.27 14.60 -6.35
CA SER A 254 6.59 14.05 -6.07
C SER A 254 7.45 14.22 -7.30
N ASP A 255 8.75 14.21 -7.12
CA ASP A 255 9.68 14.37 -8.23
C ASP A 255 10.22 13.03 -8.71
N VAL A 256 9.62 11.96 -8.21
CA VAL A 256 9.98 10.60 -8.61
C VAL A 256 8.94 10.24 -9.67
N SER A 257 9.36 9.51 -10.70
CA SER A 257 8.43 9.13 -11.75
C SER A 257 7.51 8.04 -11.22
N ALA A 258 6.29 8.00 -11.76
CA ALA A 258 5.28 7.04 -11.35
C ALA A 258 5.64 5.56 -11.50
N ASP A 259 6.64 5.21 -12.30
CA ASP A 259 6.98 3.79 -12.38
C ASP A 259 7.93 3.33 -11.25
N LYS A 260 8.15 4.22 -10.27
CA LYS A 260 8.97 3.93 -9.11
C LYS A 260 8.10 4.38 -7.93
N LEU A 261 6.78 4.39 -8.15
CA LEU A 261 5.84 4.84 -7.14
C LEU A 261 4.78 3.82 -6.72
N VAL A 262 4.50 3.81 -5.43
CA VAL A 262 3.45 2.96 -4.82
C VAL A 262 2.45 4.01 -4.34
N THR A 263 1.20 3.87 -4.75
CA THR A 263 0.19 4.84 -4.40
C THR A 263 -0.93 4.25 -3.55
N TRP A 264 -1.75 5.12 -2.99
CA TRP A 264 -2.87 4.70 -2.16
C TRP A 264 -3.83 5.87 -1.96
N VAL A 265 -4.98 5.56 -1.38
CA VAL A 265 -5.98 6.57 -1.06
C VAL A 265 -5.69 6.90 0.41
N GLU A 266 -5.32 5.87 1.17
CA GLU A 266 -5.01 6.00 2.58
C GLU A 266 -4.10 4.84 2.95
N SER A 267 -3.39 4.98 4.07
CA SER A 267 -2.47 3.96 4.57
C SER A 267 -2.97 3.49 5.92
N HIS A 268 -2.34 2.47 6.48
CA HIS A 268 -2.78 1.98 7.78
C HIS A 268 -2.62 3.07 8.83
N ASP A 269 -1.66 3.99 8.63
CA ASP A 269 -1.47 5.08 9.61
C ASP A 269 -2.55 6.15 9.57
N THR A 270 -2.84 6.68 8.38
CA THR A 270 -3.84 7.72 8.25
C THR A 270 -5.17 7.25 8.83
N TYR A 271 -5.44 5.95 8.73
CA TYR A 271 -6.67 5.38 9.24
C TYR A 271 -6.64 5.01 10.72
N ALA A 272 -5.63 4.23 11.08
CA ALA A 272 -5.47 3.69 12.43
C ALA A 272 -4.86 4.54 13.54
N ASN A 273 -4.01 5.49 13.17
CA ASN A 273 -3.40 6.33 14.18
C ASN A 273 -4.46 7.18 14.85
N ASP A 274 -4.15 7.69 16.04
CA ASP A 274 -5.08 8.50 16.80
C ASP A 274 -5.53 9.78 16.09
N ASP A 275 -4.83 10.13 15.04
CA ASP A 275 -5.16 11.32 14.28
C ASP A 275 -6.46 11.12 13.50
N GLU A 276 -6.71 9.89 13.06
CA GLU A 276 -7.89 9.56 12.28
C GLU A 276 -7.95 10.44 11.04
N GLU A 277 -6.80 10.58 10.39
CA GLU A 277 -6.69 11.40 9.21
C GLU A 277 -7.63 11.01 8.05
N SER A 278 -7.84 9.72 7.82
CA SER A 278 -8.69 9.29 6.73
C SER A 278 -9.85 8.40 7.15
N THR A 279 -10.01 8.22 8.45
CA THR A 279 -11.07 7.38 8.96
C THR A 279 -12.45 7.89 8.58
N TRP A 280 -12.53 9.21 8.35
CA TRP A 280 -13.78 9.85 7.98
C TRP A 280 -14.45 9.20 6.77
N MET A 281 -13.65 8.81 5.79
CA MET A 281 -14.15 8.21 4.57
C MET A 281 -15.13 7.08 4.77
N SER A 282 -15.75 6.67 3.67
CA SER A 282 -16.70 5.59 3.70
C SER A 282 -16.34 4.71 2.51
N ASP A 283 -17.00 3.57 2.39
CA ASP A 283 -16.72 2.66 1.30
C ASP A 283 -16.86 3.38 -0.04
N ASP A 284 -17.84 4.27 -0.15
CA ASP A 284 -18.06 5.02 -1.37
C ASP A 284 -16.94 5.94 -1.74
N ASP A 285 -16.35 6.60 -0.73
CA ASP A 285 -15.23 7.48 -1.00
C ASP A 285 -14.04 6.63 -1.43
N ILE A 286 -13.92 5.43 -0.86
CA ILE A 286 -12.81 4.55 -1.23
C ILE A 286 -12.98 4.02 -2.64
N ARG A 287 -14.19 3.63 -3.02
CA ARG A 287 -14.45 3.11 -4.38
C ARG A 287 -14.03 4.13 -5.44
N LEU A 288 -14.45 5.38 -5.26
CA LEU A 288 -14.12 6.45 -6.20
C LEU A 288 -12.62 6.74 -6.16
N GLY A 289 -12.05 6.68 -4.97
CA GLY A 289 -10.62 6.93 -4.83
C GLY A 289 -9.81 5.88 -5.56
N TRP A 290 -10.22 4.63 -5.39
CA TRP A 290 -9.53 3.52 -6.02
C TRP A 290 -9.62 3.66 -7.53
N ALA A 291 -10.81 4.01 -8.03
CA ALA A 291 -11.00 4.18 -9.46
C ALA A 291 -10.01 5.20 -10.00
N VAL A 292 -9.79 6.27 -9.25
CA VAL A 292 -8.86 7.32 -9.66
C VAL A 292 -7.39 6.88 -9.72
N ILE A 293 -6.92 6.21 -8.68
CA ILE A 293 -5.51 5.79 -8.66
C ILE A 293 -5.19 4.46 -9.35
N ALA A 294 -6.11 3.49 -9.32
CA ALA A 294 -5.90 2.19 -9.95
C ALA A 294 -6.19 2.17 -11.45
N SER A 295 -6.42 3.35 -12.03
CA SER A 295 -6.69 3.47 -13.45
C SER A 295 -5.47 4.10 -14.07
N ARG A 296 -4.61 4.66 -13.23
CA ARG A 296 -3.40 5.32 -13.67
C ARG A 296 -2.42 4.30 -14.24
N SER A 297 -1.43 4.76 -14.99
CA SER A 297 -0.44 3.86 -15.56
C SER A 297 0.90 3.97 -14.82
N GLY A 298 1.64 2.87 -14.76
CA GLY A 298 2.96 2.86 -14.13
C GLY A 298 3.08 2.88 -12.61
N SER A 299 2.11 3.43 -11.90
CA SER A 299 2.17 3.48 -10.46
C SER A 299 1.48 2.24 -9.88
N THR A 300 2.06 1.68 -8.81
CA THR A 300 1.48 0.49 -8.20
C THR A 300 0.59 0.85 -7.03
N PRO A 301 -0.74 0.65 -7.17
CA PRO A 301 -1.70 0.95 -6.12
C PRO A 301 -1.75 -0.12 -5.02
N LEU A 302 -1.93 0.34 -3.78
CA LEU A 302 -1.97 -0.52 -2.60
C LEU A 302 -3.32 -0.32 -1.92
N PHE A 303 -4.14 -1.36 -1.91
CA PHE A 303 -5.48 -1.33 -1.31
C PHE A 303 -5.47 -1.62 0.19
N PHE A 304 -6.04 -0.75 0.99
CA PHE A 304 -6.04 -0.96 2.43
C PHE A 304 -7.29 -1.65 2.95
N SER A 305 -7.13 -2.87 3.49
CA SER A 305 -8.26 -3.62 4.03
C SER A 305 -8.57 -3.11 5.45
N ARG A 306 -9.64 -2.33 5.59
CA ARG A 306 -10.02 -1.77 6.89
C ARG A 306 -10.74 -2.80 7.73
N PRO A 307 -10.77 -2.59 9.07
CA PRO A 307 -11.43 -3.48 10.02
C PRO A 307 -12.91 -3.61 9.70
N GLU A 308 -13.46 -4.80 9.88
CA GLU A 308 -14.86 -5.06 9.61
C GLU A 308 -15.67 -4.01 10.35
N GLY A 309 -16.40 -3.21 9.59
CA GLY A 309 -17.24 -2.16 10.17
C GLY A 309 -16.58 -0.82 10.41
N GLY A 310 -15.33 -0.66 10.00
CA GLY A 310 -14.68 0.61 10.21
C GLY A 310 -15.11 1.64 9.19
N GLY A 311 -14.84 2.91 9.46
CA GLY A 311 -15.21 3.97 8.55
C GLY A 311 -16.13 4.99 9.19
N ASN A 312 -16.24 6.15 8.55
CA ASN A 312 -17.10 7.23 9.04
C ASN A 312 -16.66 7.73 10.39
N GLY A 313 -15.34 7.80 10.60
CA GLY A 313 -14.81 8.27 11.86
C GLY A 313 -14.53 7.13 12.81
N VAL A 314 -15.26 6.02 12.66
CA VAL A 314 -15.07 4.87 13.53
C VAL A 314 -13.87 4.02 13.11
N ARG A 315 -12.86 3.97 13.96
CA ARG A 315 -11.66 3.19 13.68
C ARG A 315 -11.77 1.74 14.10
N PHE A 316 -12.05 1.55 15.38
CA PHE A 316 -12.14 0.21 15.95
C PHE A 316 -13.55 -0.10 16.43
N PRO A 317 -14.41 -0.57 15.52
CA PRO A 317 -15.81 -0.93 15.82
C PRO A 317 -16.01 -2.10 16.78
N GLY A 318 -14.97 -2.90 16.98
CA GLY A 318 -15.08 -4.02 17.88
C GLY A 318 -15.91 -5.16 17.31
N LYS A 319 -15.77 -5.41 16.01
CA LYS A 319 -16.51 -6.49 15.36
C LYS A 319 -15.56 -7.60 14.90
N SER A 320 -14.27 -7.34 15.00
CA SER A 320 -13.23 -8.28 14.63
C SER A 320 -12.04 -7.98 15.52
N GLN A 321 -10.98 -8.77 15.40
CA GLN A 321 -9.78 -8.57 16.21
C GLN A 321 -8.58 -8.76 15.32
N ILE A 322 -7.39 -8.53 15.86
CA ILE A 322 -6.19 -8.72 15.09
C ILE A 322 -6.16 -10.18 14.65
N GLY A 323 -5.89 -10.40 13.37
CA GLY A 323 -5.85 -11.74 12.83
C GLY A 323 -7.08 -12.05 12.01
N ASP A 324 -8.20 -11.42 12.35
CA ASP A 324 -9.46 -11.63 11.63
C ASP A 324 -9.45 -10.99 10.25
N ARG A 325 -10.17 -11.58 9.29
CA ARG A 325 -10.22 -11.01 7.94
C ARG A 325 -10.83 -9.62 7.99
N GLY A 326 -10.37 -8.74 7.10
CA GLY A 326 -10.89 -7.38 7.05
C GLY A 326 -12.26 -7.32 6.41
N SER A 327 -12.75 -6.12 6.13
CA SER A 327 -14.07 -5.92 5.53
C SER A 327 -14.12 -6.51 4.14
N ALA A 328 -15.32 -6.71 3.63
CA ALA A 328 -15.50 -7.28 2.31
C ALA A 328 -15.21 -6.35 1.13
N LEU A 329 -15.03 -5.06 1.41
CA LEU A 329 -14.77 -4.08 0.36
C LEU A 329 -13.62 -4.48 -0.54
N PHE A 330 -12.65 -5.22 0.01
CA PHE A 330 -11.52 -5.64 -0.79
C PHE A 330 -11.94 -6.43 -2.02
N GLU A 331 -13.14 -7.00 -2.01
CA GLU A 331 -13.61 -7.78 -3.15
C GLU A 331 -14.96 -7.30 -3.70
N ASP A 332 -15.18 -6.01 -3.58
CA ASP A 332 -16.40 -5.35 -4.07
C ASP A 332 -16.40 -5.39 -5.60
N GLN A 333 -17.58 -5.45 -6.20
CA GLN A 333 -17.70 -5.49 -7.67
C GLN A 333 -16.99 -4.34 -8.38
N ALA A 334 -17.02 -3.16 -7.78
CA ALA A 334 -16.40 -1.98 -8.35
C ALA A 334 -14.88 -1.98 -8.17
N ILE A 335 -14.41 -2.47 -7.03
CA ILE A 335 -12.97 -2.54 -6.78
C ILE A 335 -12.36 -3.59 -7.70
N THR A 336 -13.01 -4.74 -7.74
CA THR A 336 -12.60 -5.87 -8.57
C THR A 336 -12.50 -5.48 -10.04
N ALA A 337 -13.49 -4.74 -10.51
CA ALA A 337 -13.53 -4.31 -11.91
C ALA A 337 -12.34 -3.42 -12.23
N VAL A 338 -11.96 -2.55 -11.31
CA VAL A 338 -10.82 -1.67 -11.54
C VAL A 338 -9.51 -2.45 -11.47
N ASN A 339 -9.45 -3.48 -10.64
CA ASN A 339 -8.23 -4.28 -10.56
C ASN A 339 -8.03 -4.95 -11.91
N ARG A 340 -9.09 -5.59 -12.40
CA ARG A 340 -9.05 -6.24 -13.71
C ARG A 340 -8.62 -5.24 -14.76
N PHE A 341 -9.29 -4.09 -14.76
CA PHE A 341 -8.99 -3.00 -15.68
C PHE A 341 -7.52 -2.62 -15.58
N HIS A 342 -7.06 -2.38 -14.35
CA HIS A 342 -5.67 -2.00 -14.10
C HIS A 342 -4.74 -3.02 -14.74
N ASN A 343 -5.01 -4.31 -14.52
CA ASN A 343 -4.17 -5.38 -15.05
C ASN A 343 -4.16 -5.39 -16.57
N VAL A 344 -5.35 -5.49 -17.18
CA VAL A 344 -5.43 -5.53 -18.65
C VAL A 344 -4.91 -4.29 -19.38
N MET A 345 -4.94 -3.13 -18.74
CA MET A 345 -4.44 -1.91 -19.40
C MET A 345 -2.95 -1.71 -19.17
N ALA A 346 -2.28 -2.72 -18.62
CA ALA A 346 -0.85 -2.60 -18.37
C ALA A 346 -0.16 -2.27 -19.69
N GLY A 347 0.75 -1.31 -19.66
CA GLY A 347 1.46 -0.90 -20.86
C GLY A 347 0.83 0.30 -21.52
N GLN A 348 -0.49 0.43 -21.38
CA GLN A 348 -1.26 1.53 -21.95
C GLN A 348 -0.97 2.91 -21.36
N PRO A 349 -0.95 3.93 -22.21
CA PRO A 349 -0.71 5.30 -21.77
C PRO A 349 -2.06 5.78 -21.25
N GLU A 350 -2.07 6.93 -20.60
CA GLU A 350 -3.31 7.45 -20.04
C GLU A 350 -3.55 8.90 -20.45
N GLU A 351 -4.78 9.36 -20.25
CA GLU A 351 -5.14 10.74 -20.54
C GLU A 351 -6.34 11.01 -19.64
N LEU A 352 -6.17 11.96 -18.71
CA LEU A 352 -7.23 12.31 -17.77
C LEU A 352 -8.02 13.51 -18.27
N SER A 353 -9.28 13.59 -17.84
CA SER A 353 -10.15 14.69 -18.24
C SER A 353 -11.36 14.72 -17.33
N ASN A 354 -12.23 15.70 -17.56
CA ASN A 354 -13.46 15.84 -16.80
C ASN A 354 -14.57 16.06 -17.80
N PRO A 355 -15.31 14.98 -18.13
CA PRO A 355 -16.41 15.03 -19.09
C PRO A 355 -17.29 16.28 -18.95
N ASN A 356 -17.44 17.00 -20.07
CA ASN A 356 -18.26 18.20 -20.15
C ASN A 356 -17.81 19.28 -19.16
N GLY A 357 -16.52 19.31 -18.86
CA GLY A 357 -16.01 20.29 -17.92
C GLY A 357 -16.53 20.09 -16.50
N ASN A 358 -17.16 18.95 -16.23
CA ASN A 358 -17.67 18.67 -14.89
C ASN A 358 -16.53 18.10 -14.03
N ASN A 359 -16.09 18.86 -13.05
CA ASN A 359 -14.98 18.38 -12.21
C ASN A 359 -15.38 17.28 -11.23
N GLN A 360 -16.66 16.97 -11.16
CA GLN A 360 -17.12 15.91 -10.27
C GLN A 360 -17.03 14.57 -11.00
N ILE A 361 -16.70 14.62 -12.29
CA ILE A 361 -16.59 13.40 -13.08
C ILE A 361 -15.16 13.18 -13.56
N PHE A 362 -14.60 12.04 -13.19
CA PHE A 362 -13.26 11.67 -13.55
C PHE A 362 -13.29 10.65 -14.66
N MET A 363 -12.49 10.87 -15.70
CA MET A 363 -12.43 9.95 -16.82
C MET A 363 -10.97 9.66 -17.11
N ASN A 364 -10.63 8.39 -17.21
CA ASN A 364 -9.27 7.99 -17.54
C ASN A 364 -9.40 7.11 -18.76
N GLN A 365 -8.78 7.54 -19.85
CA GLN A 365 -8.83 6.81 -21.10
C GLN A 365 -7.47 6.19 -21.36
N ARG A 366 -7.42 4.87 -21.28
CA ARG A 366 -6.17 4.14 -21.52
C ARG A 366 -6.12 3.74 -22.98
N GLY A 367 -5.34 4.50 -23.74
CA GLY A 367 -5.20 4.26 -25.17
C GLY A 367 -6.57 4.26 -25.82
N SER A 368 -6.82 3.26 -26.64
CA SER A 368 -8.11 3.15 -27.30
C SER A 368 -8.70 1.83 -26.84
N HIS A 369 -8.32 1.41 -25.63
CA HIS A 369 -8.75 0.14 -25.08
C HIS A 369 -9.78 0.20 -23.98
N GLY A 370 -9.57 1.05 -22.99
CA GLY A 370 -10.53 1.13 -21.90
C GLY A 370 -10.75 2.53 -21.40
N VAL A 371 -11.81 2.69 -20.61
CA VAL A 371 -12.20 3.97 -20.00
C VAL A 371 -12.73 3.71 -18.60
N VAL A 372 -12.27 4.51 -17.64
CA VAL A 372 -12.72 4.42 -16.26
C VAL A 372 -13.35 5.78 -15.92
N LEU A 373 -14.61 5.75 -15.49
CA LEU A 373 -15.37 6.94 -15.14
C LEU A 373 -15.69 6.88 -13.66
N ALA A 374 -15.57 8.01 -12.98
CA ALA A 374 -15.86 8.10 -11.56
C ALA A 374 -16.69 9.36 -11.35
N ASN A 375 -17.92 9.18 -10.88
CA ASN A 375 -18.83 10.27 -10.61
C ASN A 375 -18.91 10.49 -9.11
N ALA A 376 -18.19 11.48 -8.60
CA ALA A 376 -18.18 11.81 -7.19
C ALA A 376 -19.46 12.57 -6.80
N GLY A 377 -20.17 13.03 -7.81
CA GLY A 377 -21.38 13.79 -7.60
C GLY A 377 -22.51 13.09 -6.89
N SER A 378 -23.38 13.89 -6.30
CA SER A 378 -24.55 13.43 -5.56
C SER A 378 -25.77 13.22 -6.46
N SER A 379 -25.59 13.38 -7.77
CA SER A 379 -26.67 13.18 -8.72
C SER A 379 -26.14 12.42 -9.92
N SER A 380 -27.04 11.90 -10.74
CA SER A 380 -26.65 11.16 -11.93
C SER A 380 -26.33 12.14 -13.03
N VAL A 381 -25.46 11.73 -13.94
CA VAL A 381 -25.04 12.57 -15.05
C VAL A 381 -25.01 11.80 -16.35
N SER A 382 -25.48 12.42 -17.41
CA SER A 382 -25.43 11.81 -18.73
C SER A 382 -24.21 12.45 -19.36
N ILE A 383 -23.38 11.65 -20.00
CA ILE A 383 -22.16 12.20 -20.59
C ILE A 383 -22.14 12.07 -22.11
N ASN A 384 -21.29 12.88 -22.74
CA ASN A 384 -21.14 12.87 -24.18
C ASN A 384 -19.75 13.42 -24.44
N THR A 385 -18.77 12.53 -24.55
CA THR A 385 -17.40 12.96 -24.78
C THR A 385 -16.77 12.21 -25.91
N ALA A 386 -15.65 12.72 -26.40
CA ALA A 386 -14.91 12.07 -27.46
C ALA A 386 -14.31 10.81 -26.84
N THR A 387 -13.94 9.84 -27.68
CA THR A 387 -13.37 8.61 -27.18
C THR A 387 -12.54 7.95 -28.26
N LYS A 388 -11.48 7.26 -27.85
CA LYS A 388 -10.64 6.55 -28.82
C LYS A 388 -11.15 5.11 -28.90
N LEU A 389 -12.17 4.79 -28.12
CA LEU A 389 -12.75 3.45 -28.12
C LEU A 389 -13.55 3.23 -29.39
N PRO A 390 -13.59 1.98 -29.88
CA PRO A 390 -14.35 1.72 -31.11
C PRO A 390 -15.85 1.88 -30.79
N ASP A 391 -16.67 2.00 -31.83
CA ASP A 391 -18.09 2.16 -31.63
C ASP A 391 -18.62 0.83 -31.13
N GLY A 392 -19.72 0.87 -30.39
CA GLY A 392 -20.30 -0.36 -29.87
C GLY A 392 -20.91 -0.16 -28.49
N ARG A 393 -21.53 -1.21 -27.97
CA ARG A 393 -22.13 -1.17 -26.65
C ARG A 393 -21.13 -1.66 -25.63
N TYR A 394 -21.11 -1.01 -24.47
CA TYR A 394 -20.20 -1.37 -23.38
C TYR A 394 -21.01 -1.39 -22.11
N ASP A 395 -21.09 -2.55 -21.50
CA ASP A 395 -21.83 -2.63 -20.25
C ASP A 395 -20.88 -2.27 -19.13
N ASN A 396 -21.38 -1.53 -18.16
CA ASN A 396 -20.56 -1.13 -17.02
C ASN A 396 -20.12 -2.38 -16.27
N LYS A 397 -18.82 -2.61 -16.24
CA LYS A 397 -18.29 -3.78 -15.54
C LYS A 397 -18.19 -3.56 -14.03
N ALA A 398 -18.03 -2.29 -13.65
CA ALA A 398 -17.90 -1.92 -12.23
C ALA A 398 -19.22 -1.98 -11.49
N GLY A 399 -20.32 -1.96 -12.24
CA GLY A 399 -21.63 -2.00 -11.63
C GLY A 399 -22.71 -2.18 -12.67
N ALA A 400 -23.76 -1.37 -12.58
CA ALA A 400 -24.86 -1.45 -13.52
C ALA A 400 -24.88 -0.26 -14.47
N GLY A 401 -25.27 -0.53 -15.72
CA GLY A 401 -25.34 0.51 -16.71
C GLY A 401 -24.76 0.06 -18.04
N SER A 402 -25.03 0.83 -19.09
CA SER A 402 -24.53 0.55 -20.43
C SER A 402 -24.17 1.89 -21.04
N PHE A 403 -23.14 1.89 -21.88
CA PHE A 403 -22.68 3.10 -22.53
C PHE A 403 -22.55 2.75 -23.99
N GLN A 404 -22.74 3.74 -24.84
CA GLN A 404 -22.65 3.49 -26.27
C GLN A 404 -21.63 4.42 -26.89
N VAL A 405 -20.63 3.85 -27.54
CA VAL A 405 -19.64 4.66 -28.22
C VAL A 405 -20.17 4.70 -29.63
N ASN A 406 -20.25 5.89 -30.20
CA ASN A 406 -20.78 6.05 -31.56
C ASN A 406 -20.10 7.22 -32.22
N ASP A 407 -19.48 6.99 -33.37
CA ASP A 407 -18.77 8.06 -34.08
C ASP A 407 -17.76 8.68 -33.11
N GLY A 408 -16.98 7.80 -32.48
CA GLY A 408 -15.98 8.24 -31.53
C GLY A 408 -16.54 9.08 -30.39
N LYS A 409 -17.76 8.80 -29.96
CA LYS A 409 -18.36 9.54 -28.88
C LYS A 409 -19.06 8.71 -27.82
N LEU A 410 -18.57 8.84 -26.59
CA LEU A 410 -19.08 8.14 -25.42
C LEU A 410 -20.33 8.83 -24.88
N THR A 411 -21.36 8.04 -24.62
CA THR A 411 -22.62 8.55 -24.09
C THR A 411 -23.23 7.52 -23.13
N GLY A 412 -23.94 8.02 -22.12
CA GLY A 412 -24.57 7.16 -21.15
C GLY A 412 -24.74 7.92 -19.85
N THR A 413 -25.42 7.32 -18.90
CA THR A 413 -25.63 7.96 -17.60
C THR A 413 -24.80 7.29 -16.51
N ILE A 414 -23.81 8.01 -16.00
CA ILE A 414 -23.02 7.48 -14.91
C ILE A 414 -23.77 7.83 -13.65
N ASN A 415 -24.19 6.81 -12.91
CA ASN A 415 -24.96 7.03 -11.70
C ASN A 415 -24.22 7.83 -10.64
N ALA A 416 -24.98 8.45 -9.74
CA ALA A 416 -24.40 9.24 -8.68
C ALA A 416 -23.51 8.35 -7.83
N ARG A 417 -22.45 8.94 -7.27
CA ARG A 417 -21.49 8.24 -6.41
C ARG A 417 -21.12 6.88 -6.98
N SER A 418 -20.96 6.82 -8.29
CA SER A 418 -20.65 5.55 -8.93
C SER A 418 -19.40 5.54 -9.74
N VAL A 419 -18.90 4.33 -9.97
CA VAL A 419 -17.71 4.08 -10.75
C VAL A 419 -18.18 3.27 -11.96
N ALA A 420 -17.52 3.45 -13.10
CA ALA A 420 -17.85 2.71 -14.30
C ALA A 420 -16.55 2.29 -14.95
N VAL A 421 -16.46 1.02 -15.29
CA VAL A 421 -15.26 0.46 -15.92
C VAL A 421 -15.70 0.01 -17.32
N LEU A 422 -15.06 0.56 -18.33
CA LEU A 422 -15.41 0.28 -19.71
C LEU A 422 -14.29 -0.22 -20.61
N TYR A 423 -14.52 -1.38 -21.21
CA TYR A 423 -13.57 -1.97 -22.13
C TYR A 423 -14.20 -3.23 -22.74
N PRO A 424 -13.73 -3.65 -23.92
CA PRO A 424 -14.21 -4.84 -24.64
C PRO A 424 -13.95 -6.18 -23.93
N ASP A 425 -14.79 -7.18 -24.24
CA ASP A 425 -14.75 -8.54 -23.67
C ASP A 425 -14.53 -8.73 -22.17
C2 BGC B . 7.03 12.94 8.83
C3 BGC B . 7.04 11.43 8.85
C4 BGC B . 6.36 10.91 10.10
C5 BGC B . 4.96 11.53 10.23
C6 BGC B . 4.23 11.13 11.50
C1 BGC B . 5.62 13.47 9.01
O1 BGC B . 5.67 14.84 9.09
O2 BGC B . 7.54 13.42 7.59
O3 BGC B . 8.38 10.96 8.83
O4 BGC B . 6.27 9.47 10.04
O5 BGC B . 5.05 12.96 10.22
O6 BGC B . 4.91 11.58 12.66
C1 GLC B . 7.01 8.75 10.98
C2 GLC B . 7.88 7.72 10.29
C3 GLC B . 7.03 6.58 9.73
C4 GLC B . 6.19 5.98 10.85
C5 GLC B . 5.33 7.10 11.46
C6 GLC B . 4.46 6.65 12.61
O2 GLC B . 8.60 8.33 9.24
O3 GLC B . 7.90 5.59 9.18
O4 GLC B . 5.34 4.90 10.35
O5 GLC B . 6.17 8.14 11.95
O6 GLC B . 3.59 7.70 13.04
C1 GLC B . 5.82 3.57 10.38
C2 GLC B . 4.65 2.60 10.52
C3 GLC B . 3.91 3.00 11.76
C4 GLC B . 4.83 2.85 12.97
C5 GLC B . 6.22 3.51 12.78
C6 GLC B . 7.26 2.96 13.73
O2 GLC B . 3.79 2.64 9.41
O3 GLC B . 2.75 2.19 11.91
O4 GLC B . 4.22 3.47 14.10
O5 GLC B . 6.73 3.33 11.43
O6 GLC B . 7.27 1.54 13.73
C1 GLC B . 3.32 2.68 14.81
C2 GLC B . 2.23 3.58 15.41
C3 GLC B . 2.78 4.40 16.57
C4 GLC B . 3.44 3.45 17.58
C5 GLC B . 4.55 2.70 16.87
C6 GLC B . 5.32 1.73 17.75
O2 GLC B . 1.77 4.46 14.40
O3 GLC B . 1.73 5.12 17.19
O4 GLC B . 3.99 4.21 18.67
O5 GLC B . 3.97 1.91 15.81
O6 GLC B . 4.52 0.60 18.09
C1 GLC B . 3.71 3.72 19.95
C2 GLC B . 2.88 4.76 20.71
C3 GLC B . 3.70 6.03 20.89
C4 GLC B . 5.02 5.73 21.56
C5 GLC B . 5.76 4.60 20.81
C6 GLC B . 6.99 4.12 21.53
O2 GLC B . 1.69 5.06 20.00
O3 GLC B . 2.99 6.97 21.67
O4 GLC B . 5.81 6.91 21.58
O5 GLC B . 4.89 3.46 20.67
O6 GLC B . 6.63 3.18 22.54
CA CA C . 17.89 4.74 11.95
CA CA D . 6.17 -16.86 -3.25
CA CA E . -13.31 8.07 15.81
#